data_6PDQ
#
_entry.id   6PDQ
#
_cell.length_a   52.169
_cell.length_b   78.760
_cell.length_c   107.744
_cell.angle_alpha   90.00
_cell.angle_beta   90.00
_cell.angle_gamma   90.00
#
_symmetry.space_group_name_H-M   'P 21 21 21'
#
loop_
_entity.id
_entity.type
_entity.pdbx_description
1 polymer 'Ancestral Effector Caspase-3/6/7'
2 polymer 'Ancestral Effector Caspase-3/6/7'
3 polymer 'Ac-DEVD inhibitor'
4 water water
#
loop_
_entity_poly.entity_id
_entity_poly.type
_entity_poly.pdbx_seq_one_letter_code
_entity_poly.pdbx_strand_id
1 'polypeptide(L)'
;LDNSYKMNHKRRGLCLIINNKNFDRKTGMKTRNGTDKDAENLEKTFKSLGFEVKVYNDLTAEEMQETLQEVSKEDHSDSD
CFVCVLLSHGEEGLVYGTDGKIEIQELTSLFKGDKCQSLVGKPKLFFIQACRGDELDSGVEV
;
A,D
2 'polypeptide(L)'
;HKIPAEADFLIAYSTAPGYYSYRNTSNGSWFIQSLCEVLNKYGSELEIMEILTRVNHKVSLRSESSSNDPAFNGKKQMPC
FASMLTKKLYFSP
;
B,E
3 'polypeptide(L)' (ACE)DEVD F,G
#
# COMPACT_ATOMS: atom_id res chain seq x y z
N ASP A 2 19.34 7.42 10.01
CA ASP A 2 18.38 8.16 9.20
C ASP A 2 17.70 7.25 8.18
N ASN A 3 18.20 6.01 8.06
CA ASN A 3 17.70 5.09 7.06
CA ASN A 3 17.74 5.07 7.05
C ASN A 3 17.06 3.84 7.62
N SER A 4 17.29 3.50 8.90
CA SER A 4 16.70 2.33 9.53
C SER A 4 16.06 2.74 10.85
N TYR A 5 14.90 2.17 11.16
CA TYR A 5 14.29 2.42 12.46
C TYR A 5 15.19 1.87 13.57
N LYS A 6 15.27 2.61 14.67
CA LYS A 6 16.00 2.15 15.84
C LYS A 6 15.24 1.00 16.49
N MET A 7 15.80 -0.21 16.42
CA MET A 7 15.12 -1.40 16.91
C MET A 7 15.89 -2.06 18.04
N ASN A 8 16.59 -1.27 18.86
CA ASN A 8 17.31 -1.78 20.03
C ASN A 8 16.85 -1.13 21.32
N HIS A 9 15.57 -0.78 21.42
CA HIS A 9 15.05 -0.27 22.68
C HIS A 9 15.01 -1.39 23.72
N LYS A 10 14.63 -1.01 24.94
CA LYS A 10 14.52 -1.99 26.03
C LYS A 10 13.60 -3.16 25.68
N ARG A 11 12.51 -2.90 24.97
CA ARG A 11 11.58 -3.97 24.59
C ARG A 11 11.16 -3.78 23.15
N ARG A 12 10.75 -4.88 22.51
CA ARG A 12 10.29 -4.80 21.13
C ARG A 12 8.99 -4.01 21.04
N GLY A 13 8.05 -4.28 21.94
CA GLY A 13 6.79 -3.56 22.05
C GLY A 13 5.65 -4.53 22.15
N LEU A 14 4.44 -4.00 22.00
CA LEU A 14 3.20 -4.74 22.18
C LEU A 14 2.65 -5.21 20.84
N CYS A 15 2.28 -6.48 20.78
CA CYS A 15 1.44 -7.04 19.72
C CYS A 15 0.03 -7.26 20.28
N LEU A 16 -0.96 -6.59 19.69
CA LEU A 16 -2.35 -6.71 20.14
C LEU A 16 -3.17 -7.40 19.07
N ILE A 17 -3.83 -8.49 19.46
CA ILE A 17 -4.61 -9.31 18.53
C ILE A 17 -6.07 -9.20 18.93
N ILE A 18 -6.92 -8.76 18.00
CA ILE A 18 -8.36 -8.74 18.22
C ILE A 18 -8.96 -9.87 17.37
N ASN A 19 -9.51 -10.87 18.04
CA ASN A 19 -9.93 -12.10 17.39
C ASN A 19 -11.44 -12.22 17.51
N ASN A 20 -12.18 -11.84 16.47
CA ASN A 20 -13.62 -11.85 16.51
C ASN A 20 -14.13 -13.08 15.77
N LYS A 21 -14.73 -14.00 16.53
CA LYS A 21 -15.26 -15.25 15.99
C LYS A 21 -16.77 -15.33 15.97
N ASN A 22 -17.43 -14.91 17.04
CA ASN A 22 -18.87 -15.08 17.20
C ASN A 22 -19.56 -13.72 17.10
N PHE A 23 -20.56 -13.63 16.22
CA PHE A 23 -21.21 -12.35 15.95
C PHE A 23 -22.68 -12.43 16.34
N ASP A 24 -23.20 -11.31 16.84
CA ASP A 24 -24.61 -11.20 17.18
C ASP A 24 -25.48 -11.59 15.99
N ARG A 25 -26.68 -12.07 16.30
CA ARG A 25 -27.61 -12.49 15.25
C ARG A 25 -28.05 -11.32 14.37
N LYS A 26 -28.16 -10.11 14.95
CA LYS A 26 -28.61 -8.96 14.16
C LYS A 26 -27.63 -8.59 13.05
N THR A 27 -26.35 -8.95 13.19
CA THR A 27 -25.41 -8.68 12.11
C THR A 27 -25.60 -9.63 10.93
N GLY A 28 -26.17 -10.80 11.16
CA GLY A 28 -26.24 -11.80 10.10
C GLY A 28 -24.91 -12.35 9.64
N MET A 29 -23.85 -12.20 10.43
CA MET A 29 -22.53 -12.66 10.02
C MET A 29 -22.26 -14.04 10.59
N LYS A 30 -21.64 -14.91 9.79
CA LYS A 30 -21.39 -16.29 10.19
C LYS A 30 -20.22 -16.39 11.17
N THR A 31 -20.22 -17.49 11.93
CA THR A 31 -19.12 -17.79 12.83
C THR A 31 -17.83 -18.04 12.05
N ARG A 32 -16.73 -17.45 12.52
CA ARG A 32 -15.47 -17.46 11.75
C ARG A 32 -14.60 -18.63 12.21
N ASN A 33 -15.07 -19.85 11.92
CA ASN A 33 -14.34 -21.05 12.33
C ASN A 33 -12.99 -21.11 11.65
N GLY A 34 -11.94 -21.39 12.44
CA GLY A 34 -10.56 -21.30 12.03
C GLY A 34 -9.83 -20.09 12.56
N THR A 35 -10.54 -19.07 13.03
CA THR A 35 -9.85 -17.87 13.48
C THR A 35 -9.09 -18.09 14.80
N ASP A 36 -9.52 -19.05 15.63
CA ASP A 36 -8.77 -19.30 16.86
C ASP A 36 -7.39 -19.88 16.55
N LYS A 37 -7.29 -20.70 15.49
CA LYS A 37 -5.98 -21.18 15.07
C LYS A 37 -5.11 -20.04 14.56
N ASP A 38 -5.71 -19.07 13.86
CA ASP A 38 -4.95 -17.88 13.46
C ASP A 38 -4.40 -17.16 14.68
N ALA A 39 -5.26 -16.90 15.66
CA ALA A 39 -4.83 -16.13 16.82
C ALA A 39 -3.70 -16.84 17.53
N GLU A 40 -3.80 -18.16 17.68
CA GLU A 40 -2.79 -18.91 18.41
C GLU A 40 -1.47 -18.92 17.65
N ASN A 41 -1.52 -19.06 16.32
CA ASN A 41 -0.30 -18.98 15.52
C ASN A 41 0.34 -17.61 15.64
N LEU A 42 -0.46 -16.54 15.61
CA LEU A 42 0.11 -15.20 15.69
C LEU A 42 0.78 -14.99 17.04
N GLU A 43 0.15 -15.45 18.11
CA GLU A 43 0.71 -15.32 19.46
C GLU A 43 2.12 -15.91 19.55
N LYS A 44 2.28 -17.17 19.13
CA LYS A 44 3.60 -17.80 19.20
C LYS A 44 4.59 -17.11 18.28
N THR A 45 4.13 -16.72 17.08
CA THR A 45 5.03 -16.10 16.10
C THR A 45 5.55 -14.76 16.59
N PHE A 46 4.66 -13.86 17.03
CA PHE A 46 5.14 -12.55 17.43
C PHE A 46 5.89 -12.62 18.76
N LYS A 47 5.54 -13.56 19.64
CA LYS A 47 6.33 -13.70 20.86
C LYS A 47 7.77 -14.10 20.55
N SER A 48 7.97 -14.96 19.55
CA SER A 48 9.34 -15.34 19.18
C SER A 48 10.13 -14.19 18.57
N LEU A 49 9.45 -13.16 18.06
CA LEU A 49 10.12 -11.96 17.57
C LEU A 49 10.38 -10.94 18.66
N GLY A 50 10.03 -11.23 19.90
CA GLY A 50 10.34 -10.36 21.02
C GLY A 50 9.16 -9.59 21.58
N PHE A 51 7.99 -9.65 20.92
CA PHE A 51 6.85 -8.86 21.37
C PHE A 51 6.23 -9.44 22.65
N GLU A 52 5.71 -8.55 23.48
CA GLU A 52 4.67 -8.93 24.43
C GLU A 52 3.37 -9.03 23.67
N VAL A 53 2.54 -10.01 24.00
CA VAL A 53 1.36 -10.34 23.21
C VAL A 53 0.13 -10.29 24.09
N LYS A 54 -0.93 -9.66 23.60
CA LYS A 54 -2.21 -9.61 24.29
C LYS A 54 -3.31 -9.93 23.28
N VAL A 55 -4.16 -10.90 23.63
CA VAL A 55 -5.26 -11.31 22.78
C VAL A 55 -6.57 -10.85 23.40
N TYR A 56 -7.44 -10.28 22.57
CA TYR A 56 -8.83 -10.02 22.93
C TYR A 56 -9.70 -10.83 22.01
N ASN A 57 -10.81 -11.34 22.54
CA ASN A 57 -11.72 -12.16 21.77
C ASN A 57 -13.10 -11.53 21.75
N ASP A 58 -13.79 -11.63 20.61
CA ASP A 58 -15.21 -11.29 20.49
C ASP A 58 -15.54 -9.93 21.12
N LEU A 59 -14.94 -8.88 20.58
CA LEU A 59 -15.15 -7.51 21.06
C LEU A 59 -16.23 -6.82 20.23
N THR A 60 -17.12 -6.09 20.91
CA THR A 60 -18.02 -5.20 20.19
C THR A 60 -17.24 -4.08 19.51
N ALA A 61 -17.88 -3.40 18.56
CA ALA A 61 -17.23 -2.28 17.90
C ALA A 61 -16.79 -1.23 18.91
N GLU A 62 -17.67 -0.92 19.88
CA GLU A 62 -17.30 0.03 20.92
C GLU A 62 -16.12 -0.47 21.75
N GLU A 63 -16.09 -1.77 22.07
CA GLU A 63 -14.96 -2.33 22.81
C GLU A 63 -13.67 -2.30 22.00
N MET A 64 -13.75 -2.44 20.67
CA MET A 64 -12.53 -2.35 19.89
C MET A 64 -11.93 -0.95 19.99
N GLN A 65 -12.78 0.06 19.85
CA GLN A 65 -12.29 1.44 19.91
C GLN A 65 -11.73 1.75 21.29
N GLU A 66 -12.41 1.31 22.33
CA GLU A 66 -11.95 1.61 23.69
C GLU A 66 -10.65 0.88 24.00
N THR A 67 -10.53 -0.38 23.56
CA THR A 67 -9.30 -1.12 23.81
C THR A 67 -8.10 -0.48 23.11
N LEU A 68 -8.24 -0.13 21.83
CA LEU A 68 -7.13 0.51 21.14
CA LEU A 68 -7.15 0.52 21.14
C LEU A 68 -6.85 1.90 21.69
N GLN A 69 -7.91 2.62 22.10
CA GLN A 69 -7.67 3.92 22.72
C GLN A 69 -6.87 3.76 24.01
N GLU A 70 -7.22 2.74 24.79
CA GLU A 70 -6.44 2.47 25.99
C GLU A 70 -5.00 2.16 25.65
N VAL A 71 -4.76 1.38 24.59
CA VAL A 71 -3.39 1.08 24.19
C VAL A 71 -2.68 2.33 23.71
N SER A 72 -3.38 3.21 22.99
CA SER A 72 -2.72 4.42 22.53
C SER A 72 -2.29 5.31 23.68
N LYS A 73 -2.86 5.14 24.87
CA LYS A 73 -2.44 5.88 26.05
C LYS A 73 -1.41 5.15 26.89
N GLU A 74 -1.05 3.93 26.52
CA GLU A 74 -0.06 3.19 27.31
C GLU A 74 1.35 3.74 27.06
N ASP A 75 2.27 3.25 27.88
CA ASP A 75 3.65 3.74 27.95
C ASP A 75 4.48 2.98 26.92
N HIS A 76 4.63 3.55 25.72
CA HIS A 76 5.41 2.93 24.65
C HIS A 76 6.82 3.48 24.56
N SER A 77 7.26 4.31 25.52
CA SER A 77 8.47 5.09 25.29
C SER A 77 9.69 4.19 25.12
N ASP A 78 9.76 3.08 25.86
CA ASP A 78 10.88 2.16 25.78
C ASP A 78 10.66 1.01 24.80
N SER A 79 9.81 1.20 23.80
CA SER A 79 9.46 0.15 22.84
C SER A 79 9.96 0.51 21.45
N ASP A 80 10.25 -0.52 20.65
CA ASP A 80 10.64 -0.31 19.26
C ASP A 80 9.45 0.08 18.39
N CYS A 81 8.29 -0.53 18.62
CA CYS A 81 7.19 -0.39 17.67
C CYS A 81 5.90 -0.94 18.26
N PHE A 82 4.83 -0.88 17.47
CA PHE A 82 3.53 -1.39 17.89
C PHE A 82 2.91 -2.19 16.76
N VAL A 83 2.32 -3.33 17.12
CA VAL A 83 1.67 -4.21 16.16
C VAL A 83 0.24 -4.44 16.61
N CYS A 84 -0.70 -4.25 15.69
CA CYS A 84 -2.09 -4.63 15.89
C CYS A 84 -2.51 -5.62 14.81
N VAL A 85 -3.15 -6.72 15.21
CA VAL A 85 -3.74 -7.65 14.25
C VAL A 85 -5.26 -7.68 14.46
N LEU A 86 -6.01 -7.44 13.39
CA LEU A 86 -7.46 -7.53 13.39
C LEU A 86 -7.88 -8.77 12.60
N LEU A 87 -8.67 -9.65 13.25
CA LEU A 87 -9.23 -10.83 12.59
C LEU A 87 -10.74 -10.73 12.69
N SER A 88 -11.42 -10.58 11.55
CA SER A 88 -12.88 -10.42 11.60
C SER A 88 -13.46 -10.47 10.18
N HIS A 89 -14.77 -10.26 10.11
CA HIS A 89 -15.44 -9.89 8.86
C HIS A 89 -15.16 -8.43 8.55
N GLY A 90 -15.34 -8.05 7.29
CA GLY A 90 -15.27 -6.63 7.00
C GLY A 90 -15.74 -6.32 5.60
N GLU A 91 -15.71 -5.03 5.27
CA GLU A 91 -15.87 -4.51 3.91
C GLU A 91 -14.76 -3.49 3.66
N GLU A 92 -14.75 -2.87 2.48
CA GLU A 92 -13.71 -1.88 2.21
C GLU A 92 -13.73 -0.78 3.25
N GLY A 93 -12.60 -0.57 3.92
CA GLY A 93 -12.50 0.44 4.96
C GLY A 93 -13.16 0.10 6.29
N LEU A 94 -13.77 -1.07 6.43
CA LEU A 94 -14.55 -1.35 7.64
C LEU A 94 -14.25 -2.75 8.17
N VAL A 95 -14.36 -2.89 9.50
CA VAL A 95 -14.23 -4.18 10.16
CA VAL A 95 -14.21 -4.17 10.18
C VAL A 95 -15.41 -4.37 11.11
N TYR A 96 -15.81 -5.62 11.29
CA TYR A 96 -16.92 -5.95 12.18
C TYR A 96 -16.45 -6.15 13.61
N GLY A 97 -17.09 -5.44 14.54
CA GLY A 97 -17.22 -5.91 15.90
C GLY A 97 -18.26 -7.00 15.97
N THR A 98 -18.44 -7.58 17.16
CA THR A 98 -19.45 -8.63 17.30
C THR A 98 -20.86 -8.12 17.01
N ASP A 99 -21.08 -6.82 17.19
CA ASP A 99 -22.40 -6.23 17.08
C ASP A 99 -22.57 -5.32 15.87
N GLY A 100 -21.52 -5.05 15.11
CA GLY A 100 -21.65 -4.17 13.97
C GLY A 100 -20.31 -3.64 13.51
N LYS A 101 -20.37 -2.82 12.46
CA LYS A 101 -19.14 -2.38 11.81
C LYS A 101 -18.55 -1.14 12.46
N ILE A 102 -17.24 -0.97 12.29
CA ILE A 102 -16.53 0.25 12.66
C ILE A 102 -15.49 0.49 11.57
N GLU A 103 -15.24 1.77 11.27
CA GLU A 103 -14.25 2.14 10.28
C GLU A 103 -12.84 1.86 10.80
N ILE A 104 -11.99 1.33 9.92
CA ILE A 104 -10.61 1.03 10.27
C ILE A 104 -9.87 2.31 10.68
N GLN A 105 -10.19 3.43 10.02
CA GLN A 105 -9.54 4.69 10.35
C GLN A 105 -9.87 5.15 11.77
N GLU A 106 -11.04 4.79 12.30
CA GLU A 106 -11.34 5.09 13.69
C GLU A 106 -10.38 4.40 14.63
N LEU A 107 -9.78 3.28 14.22
CA LEU A 107 -8.84 2.55 15.04
C LEU A 107 -7.40 3.01 14.80
N THR A 108 -6.99 3.15 13.54
CA THR A 108 -5.62 3.55 13.26
C THR A 108 -5.36 4.99 13.65
N SER A 109 -6.36 5.87 13.52
CA SER A 109 -6.13 7.28 13.83
C SER A 109 -5.79 7.50 15.29
N LEU A 110 -6.15 6.55 16.16
CA LEU A 110 -5.82 6.67 17.58
C LEU A 110 -4.30 6.77 17.81
N PHE A 111 -3.50 6.32 16.84
CA PHE A 111 -2.05 6.19 17.02
C PHE A 111 -1.26 7.19 16.19
N LYS A 112 -1.93 8.15 15.56
CA LYS A 112 -1.23 9.16 14.79
C LYS A 112 -0.34 10.02 15.69
N GLY A 113 0.60 10.72 15.06
CA GLY A 113 1.65 11.40 15.81
C GLY A 113 1.13 12.36 16.85
N ASP A 114 0.17 13.21 16.47
CA ASP A 114 -0.28 14.22 17.40
C ASP A 114 -1.17 13.67 18.51
N LYS A 115 -1.45 12.36 18.53
CA LYS A 115 -2.29 11.76 19.56
C LYS A 115 -1.59 10.70 20.41
N CYS A 116 -0.52 10.08 19.90
CA CYS A 116 0.21 9.05 20.65
C CYS A 116 1.69 9.41 20.59
N GLN A 117 2.15 10.22 21.56
CA GLN A 117 3.49 10.78 21.48
C GLN A 117 4.57 9.72 21.65
N SER A 118 4.33 8.70 22.47
CA SER A 118 5.39 7.73 22.71
C SER A 118 5.63 6.82 21.51
N LEU A 119 4.82 6.89 20.47
CA LEU A 119 5.07 6.13 19.25
C LEU A 119 5.49 7.01 18.09
N VAL A 120 5.67 8.32 18.30
CA VAL A 120 6.10 9.19 17.21
C VAL A 120 7.46 8.72 16.71
N GLY A 121 7.60 8.62 15.39
CA GLY A 121 8.84 8.17 14.80
C GLY A 121 9.07 6.67 14.87
N LYS A 122 8.08 5.92 15.35
CA LYS A 122 8.19 4.49 15.52
C LYS A 122 7.18 3.79 14.60
N PRO A 123 7.51 2.60 14.11
CA PRO A 123 6.59 1.89 13.22
C PRO A 123 5.33 1.47 13.95
N LYS A 124 4.20 1.70 13.30
CA LYS A 124 2.89 1.27 13.75
C LYS A 124 2.32 0.36 12.68
N LEU A 125 2.22 -0.94 12.97
CA LEU A 125 1.91 -1.95 11.97
C LEU A 125 0.55 -2.55 12.25
N PHE A 126 -0.32 -2.57 11.24
CA PHE A 126 -1.63 -3.18 11.35
C PHE A 126 -1.74 -4.30 10.34
N PHE A 127 -2.09 -5.49 10.82
CA PHE A 127 -2.36 -6.63 9.95
C PHE A 127 -3.86 -6.90 9.99
N ILE A 128 -4.49 -6.94 8.82
CA ILE A 128 -5.95 -6.97 8.78
C ILE A 128 -6.41 -8.15 7.94
N GLN A 129 -6.95 -9.18 8.61
CA GLN A 129 -7.59 -10.31 7.94
C GLN A 129 -9.09 -10.04 7.95
N ALA A 130 -9.63 -9.67 6.79
CA ALA A 130 -11.05 -9.39 6.59
C ALA A 130 -11.27 -9.13 5.11
N CYS A 131 -12.49 -9.39 4.66
CA CYS A 131 -12.82 -9.06 3.28
C CYS A 131 -12.79 -7.55 3.08
N ARG A 132 -12.61 -7.16 1.82
CA ARG A 132 -12.62 -5.74 1.48
C ARG A 132 -13.63 -5.46 0.36
N GLY A 133 -14.60 -6.33 0.17
CA GLY A 133 -15.60 -6.16 -0.85
C GLY A 133 -16.12 -7.50 -1.33
N ASP A 134 -16.87 -7.46 -2.43
CA ASP A 134 -17.58 -8.64 -2.93
C ASP A 134 -16.98 -9.21 -4.21
N GLU A 135 -15.77 -8.78 -4.59
CA GLU A 135 -15.23 -9.15 -5.89
C GLU A 135 -14.44 -10.45 -5.78
N LEU A 136 -14.54 -11.26 -6.83
CA LEU A 136 -13.89 -12.56 -6.90
C LEU A 136 -12.73 -12.50 -7.87
N ASP A 137 -11.61 -13.07 -7.48
CA ASP A 137 -10.44 -13.17 -8.35
C ASP A 137 -10.40 -14.59 -8.91
N SER A 138 -10.69 -14.73 -10.20
CA SER A 138 -10.67 -16.04 -10.85
C SER A 138 -9.31 -16.40 -11.43
N GLY A 139 -8.31 -15.53 -11.31
CA GLY A 139 -6.95 -15.90 -11.65
C GLY A 139 -6.63 -15.82 -13.13
N VAL A 140 -5.42 -16.26 -13.47
CA VAL A 140 -4.92 -16.31 -14.85
C VAL A 140 -4.56 -17.75 -15.22
N HIS B 1 12.28 19.50 11.98
CA HIS B 1 11.15 20.28 12.50
C HIS B 1 9.94 19.39 12.80
N LYS B 2 9.03 19.30 11.84
CA LYS B 2 7.80 18.52 12.00
C LYS B 2 7.85 17.29 11.09
N ILE B 3 7.10 16.27 11.48
CA ILE B 3 6.88 15.11 10.62
C ILE B 3 5.37 14.92 10.44
N PRO B 4 4.92 14.34 9.33
CA PRO B 4 3.48 14.20 9.11
C PRO B 4 2.84 13.35 10.20
N ALA B 5 1.59 13.67 10.51
CA ALA B 5 0.85 12.90 11.50
C ALA B 5 0.61 11.46 11.05
N GLU B 6 0.57 11.21 9.74
CA GLU B 6 0.34 9.88 9.19
C GLU B 6 1.63 9.10 8.94
N ALA B 7 2.79 9.65 9.29
CA ALA B 7 4.04 8.96 9.04
C ALA B 7 4.14 7.68 9.88
N ASP B 8 4.83 6.68 9.31
CA ASP B 8 5.29 5.48 10.00
C ASP B 8 4.18 4.49 10.33
N PHE B 9 3.12 4.50 9.53
CA PHE B 9 2.10 3.46 9.51
C PHE B 9 2.39 2.47 8.38
N LEU B 10 2.08 1.21 8.63
CA LEU B 10 2.06 0.16 7.61
C LEU B 10 0.80 -0.66 7.85
N ILE B 11 -0.05 -0.80 6.83
CA ILE B 11 -1.24 -1.63 6.92
C ILE B 11 -1.09 -2.78 5.93
N ALA B 12 -1.01 -4.00 6.45
CA ALA B 12 -0.91 -5.20 5.61
C ALA B 12 -2.27 -5.87 5.56
N TYR B 13 -2.94 -5.80 4.41
CA TYR B 13 -4.24 -6.39 4.21
C TYR B 13 -4.11 -7.80 3.65
N SER B 14 -5.06 -8.65 4.01
CA SER B 14 -5.07 -10.01 3.47
C SER B 14 -5.46 -10.04 2.00
N THR B 15 -6.09 -8.99 1.49
CA THR B 15 -6.61 -9.05 0.13
C THR B 15 -6.58 -7.67 -0.48
N ALA B 16 -6.68 -7.65 -1.82
CA ALA B 16 -6.70 -6.42 -2.59
C ALA B 16 -7.99 -5.65 -2.36
N PRO B 17 -7.99 -4.33 -2.57
CA PRO B 17 -9.21 -3.55 -2.39
C PRO B 17 -10.35 -4.11 -3.24
N GLY B 18 -11.53 -4.21 -2.62
CA GLY B 18 -12.72 -4.68 -3.31
C GLY B 18 -13.00 -6.16 -3.24
N TYR B 19 -12.07 -6.98 -2.74
CA TYR B 19 -12.13 -8.43 -2.94
C TYR B 19 -12.43 -9.19 -1.65
N TYR B 20 -12.90 -10.42 -1.84
CA TYR B 20 -13.01 -11.39 -0.76
C TYR B 20 -11.64 -11.77 -0.24
N SER B 21 -11.63 -12.23 1.02
CA SER B 21 -10.49 -12.85 1.67
C SER B 21 -10.95 -14.22 2.20
N TYR B 22 -10.10 -15.24 2.07
CA TYR B 22 -10.49 -16.61 2.39
C TYR B 22 -9.95 -17.11 3.72
N ARG B 23 -10.76 -17.95 4.38
CA ARG B 23 -10.42 -18.55 5.68
C ARG B 23 -10.79 -20.02 5.63
N ASN B 24 -9.85 -20.89 5.94
CA ASN B 24 -10.07 -22.33 5.98
C ASN B 24 -10.41 -22.74 7.41
N THR B 25 -11.46 -23.55 7.57
CA THR B 25 -12.00 -23.84 8.89
C THR B 25 -11.08 -24.73 9.73
N SER B 26 -10.17 -25.48 9.10
CA SER B 26 -9.22 -26.32 9.84
C SER B 26 -7.84 -25.71 9.95
N ASN B 27 -7.41 -24.94 8.95
CA ASN B 27 -6.05 -24.43 8.91
C ASN B 27 -5.95 -22.96 9.28
N GLY B 28 -7.06 -22.24 9.32
CA GLY B 28 -7.02 -20.81 9.47
C GLY B 28 -6.98 -20.11 8.12
N SER B 29 -6.83 -18.80 8.19
CA SER B 29 -6.92 -17.98 6.98
C SER B 29 -5.65 -18.08 6.14
N TRP B 30 -5.82 -18.04 4.82
CA TRP B 30 -4.67 -18.10 3.91
C TRP B 30 -3.61 -17.07 4.27
N PHE B 31 -4.02 -15.83 4.55
CA PHE B 31 -3.08 -14.75 4.79
C PHE B 31 -2.32 -14.95 6.10
N ILE B 32 -3.03 -15.18 7.19
CA ILE B 32 -2.37 -15.31 8.48
C ILE B 32 -1.44 -16.51 8.49
N GLN B 33 -1.89 -17.63 7.91
CA GLN B 33 -1.05 -18.82 7.89
C GLN B 33 0.25 -18.58 7.13
N SER B 34 0.18 -17.93 5.95
CA SER B 34 1.42 -17.64 5.24
C SER B 34 2.25 -16.60 5.97
N LEU B 35 1.62 -15.59 6.56
CA LEU B 35 2.35 -14.55 7.31
C LEU B 35 3.18 -15.18 8.42
N CYS B 36 2.59 -16.11 9.17
CA CYS B 36 3.32 -16.76 10.25
C CYS B 36 4.42 -17.67 9.71
N GLU B 37 4.14 -18.43 8.65
CA GLU B 37 5.18 -19.24 8.02
C GLU B 37 6.40 -18.41 7.64
N VAL B 38 6.18 -17.28 6.97
CA VAL B 38 7.33 -16.46 6.56
C VAL B 38 8.00 -15.83 7.78
N LEU B 39 7.21 -15.29 8.71
CA LEU B 39 7.79 -14.70 9.91
C LEU B 39 8.58 -15.74 10.70
N ASN B 40 8.08 -16.98 10.76
CA ASN B 40 8.78 -17.98 11.57
C ASN B 40 10.12 -18.37 10.95
N LYS B 41 10.21 -18.37 9.62
CA LYS B 41 11.44 -18.75 8.91
C LYS B 41 12.40 -17.57 8.76
N TYR B 42 11.90 -16.38 8.42
CA TYR B 42 12.74 -15.24 8.08
C TYR B 42 12.52 -14.00 8.94
N GLY B 43 11.64 -14.06 9.94
CA GLY B 43 11.25 -12.84 10.64
C GLY B 43 12.40 -12.09 11.30
N SER B 44 13.43 -12.82 11.76
CA SER B 44 14.55 -12.18 12.42
C SER B 44 15.69 -11.85 11.46
N GLU B 45 15.46 -11.91 10.16
CA GLU B 45 16.52 -11.76 9.17
C GLU B 45 16.22 -10.67 8.13
N LEU B 46 15.02 -10.71 7.57
CA LEU B 46 14.68 -9.89 6.41
C LEU B 46 13.97 -8.61 6.81
N GLU B 47 14.05 -7.62 5.93
CA GLU B 47 13.35 -6.36 6.16
C GLU B 47 11.85 -6.59 5.96
N ILE B 48 11.03 -5.76 6.61
CA ILE B 48 9.60 -6.05 6.67
C ILE B 48 8.97 -6.06 5.28
N MET B 49 9.40 -5.15 4.39
CA MET B 49 8.83 -5.17 3.04
CA MET B 49 8.87 -5.14 3.02
C MET B 49 9.20 -6.45 2.30
N GLU B 50 10.40 -6.98 2.53
CA GLU B 50 10.79 -8.24 1.93
C GLU B 50 9.93 -9.37 2.47
N ILE B 51 9.68 -9.39 3.79
CA ILE B 51 8.81 -10.40 4.38
C ILE B 51 7.43 -10.36 3.75
N LEU B 52 6.84 -9.16 3.67
CA LEU B 52 5.47 -9.06 3.17
C LEU B 52 5.40 -9.37 1.67
N THR B 53 6.47 -9.12 0.93
CA THR B 53 6.49 -9.50 -0.48
C THR B 53 6.48 -11.03 -0.64
N ARG B 54 7.21 -11.74 0.24
CA ARG B 54 7.18 -13.20 0.23
C ARG B 54 5.81 -13.72 0.63
N VAL B 55 5.14 -13.04 1.57
CA VAL B 55 3.76 -13.41 1.91
C VAL B 55 2.86 -13.26 0.70
N ASN B 56 2.96 -12.12 -0.01
CA ASN B 56 2.23 -11.96 -1.27
C ASN B 56 2.48 -13.13 -2.20
N HIS B 57 3.75 -13.48 -2.37
CA HIS B 57 4.13 -14.59 -3.25
C HIS B 57 3.45 -15.89 -2.82
N LYS B 58 3.59 -16.25 -1.54
CA LYS B 58 3.07 -17.54 -1.08
C LYS B 58 1.56 -17.64 -1.25
N VAL B 59 0.81 -16.59 -0.88
CA VAL B 59 -0.65 -16.63 -1.03
C VAL B 59 -1.05 -16.69 -2.50
N SER B 60 -0.36 -15.93 -3.35
CA SER B 60 -0.73 -15.88 -4.77
C SER B 60 -0.55 -17.23 -5.45
N LEU B 61 0.40 -18.04 -4.99
CA LEU B 61 0.60 -19.37 -5.55
C LEU B 61 -0.21 -20.45 -4.82
N ARG B 62 -0.95 -20.10 -3.79
CA ARG B 62 -1.80 -21.08 -3.12
C ARG B 62 -2.85 -21.56 -4.11
N GLU B 64 -8.05 -21.96 -6.51
CA GLU B 64 -7.50 -22.76 -5.41
C GLU B 64 -8.51 -22.92 -4.26
N SER B 65 -9.45 -21.99 -4.16
CA SER B 65 -10.50 -22.09 -3.15
C SER B 65 -11.31 -23.36 -3.34
N SER B 66 -11.76 -23.92 -2.20
CA SER B 66 -12.57 -25.14 -2.10
C SER B 66 -12.15 -26.23 -3.07
N PHE B 72 -17.99 -20.16 -6.35
CA PHE B 72 -17.12 -19.82 -5.24
C PHE B 72 -15.90 -20.74 -5.16
N ASN B 73 -15.82 -21.68 -6.09
CA ASN B 73 -14.70 -22.61 -6.17
C ASN B 73 -13.70 -22.17 -7.23
N GLY B 74 -12.45 -22.57 -7.03
CA GLY B 74 -11.39 -22.26 -7.96
C GLY B 74 -10.94 -20.81 -7.98
N LYS B 75 -11.03 -20.12 -6.85
CA LYS B 75 -10.72 -18.71 -6.78
C LYS B 75 -9.35 -18.47 -6.15
N LYS B 76 -8.87 -17.24 -6.28
CA LYS B 76 -7.51 -16.86 -5.90
C LYS B 76 -7.56 -15.64 -4.98
N GLN B 77 -6.42 -15.34 -4.36
CA GLN B 77 -6.35 -14.20 -3.44
C GLN B 77 -5.02 -13.49 -3.60
N MET B 78 -5.06 -12.16 -3.55
CA MET B 78 -3.85 -11.35 -3.68
C MET B 78 -3.77 -10.37 -2.52
N PRO B 79 -2.89 -10.62 -1.55
CA PRO B 79 -2.73 -9.66 -0.45
C PRO B 79 -2.09 -8.38 -0.96
N CYS B 80 -2.19 -7.35 -0.14
CA CYS B 80 -1.85 -6.00 -0.55
C CYS B 80 -1.41 -5.24 0.69
N PHE B 81 -0.21 -4.67 0.69
CA PHE B 81 0.21 -3.90 1.86
C PHE B 81 0.54 -2.47 1.45
N ALA B 82 0.14 -1.52 2.31
CA ALA B 82 0.22 -0.09 2.05
C ALA B 82 1.17 0.51 3.08
N SER B 83 2.21 1.17 2.59
CA SER B 83 3.31 1.60 3.44
C SER B 83 3.44 3.11 3.46
N MET B 84 3.35 3.67 4.66
CA MET B 84 3.75 5.03 4.96
CA MET B 84 3.76 5.03 4.96
C MET B 84 4.99 5.05 5.86
N LEU B 85 5.77 3.98 5.86
CA LEU B 85 7.00 3.93 6.63
C LEU B 85 8.06 4.81 5.97
N THR B 86 8.95 5.36 6.81
CA THR B 86 9.99 6.26 6.33
C THR B 86 11.38 5.65 6.40
N LYS B 87 11.52 4.44 6.94
CA LYS B 87 12.82 3.80 7.14
C LYS B 87 12.67 2.29 7.01
N LYS B 88 13.80 1.61 6.84
CA LYS B 88 13.82 0.15 6.89
C LYS B 88 13.52 -0.37 8.30
N LEU B 89 12.80 -1.50 8.38
CA LEU B 89 12.35 -2.08 9.64
C LEU B 89 12.82 -3.54 9.69
N TYR B 90 13.71 -3.83 10.64
CA TYR B 90 14.16 -5.18 10.94
C TYR B 90 13.76 -5.56 12.36
N PHE B 91 13.32 -6.79 12.55
CA PHE B 91 13.08 -7.33 13.90
C PHE B 91 14.39 -7.94 14.39
N SER B 92 15.32 -7.07 14.76
CA SER B 92 16.65 -7.50 15.16
C SER B 92 16.57 -8.36 16.42
N PRO B 93 17.23 -9.53 16.46
CA PRO B 93 17.22 -10.39 17.66
C PRO B 93 18.12 -9.86 18.79
N LEU C 1 14.84 -16.92 -11.12
CA LEU C 1 15.06 -16.87 -9.67
C LEU C 1 13.73 -16.67 -8.98
N ASP C 2 13.58 -17.33 -7.82
CA ASP C 2 12.27 -17.37 -7.18
C ASP C 2 11.92 -16.06 -6.51
N ASN C 3 12.92 -15.27 -6.10
CA ASN C 3 12.64 -14.13 -5.23
C ASN C 3 12.79 -12.78 -5.92
N SER C 4 13.20 -12.73 -7.19
CA SER C 4 13.42 -11.46 -7.87
C SER C 4 12.82 -11.49 -9.27
N TYR C 5 12.16 -10.41 -9.67
CA TYR C 5 11.69 -10.32 -11.05
C TYR C 5 12.87 -10.39 -12.01
N LYS C 6 12.67 -11.07 -13.13
CA LYS C 6 13.64 -11.06 -14.23
C LYS C 6 13.64 -9.67 -14.88
N MET C 7 14.72 -8.91 -14.67
CA MET C 7 14.82 -7.56 -15.19
C MET C 7 15.94 -7.42 -16.23
N ASN C 8 16.18 -8.47 -16.99
CA ASN C 8 17.24 -8.42 -17.99
C ASN C 8 16.70 -8.82 -19.37
N HIS C 9 15.41 -8.56 -19.60
CA HIS C 9 14.83 -8.77 -20.92
C HIS C 9 15.51 -7.86 -21.94
N LYS C 10 15.17 -8.06 -23.22
CA LYS C 10 15.77 -7.25 -24.27
C LYS C 10 15.40 -5.78 -24.17
N ARG C 11 14.22 -5.47 -23.61
CA ARG C 11 13.78 -4.10 -23.37
C ARG C 11 13.33 -3.94 -21.92
N ARG C 12 13.53 -2.74 -21.37
CA ARG C 12 13.02 -2.49 -20.03
CA ARG C 12 13.02 -2.46 -20.03
C ARG C 12 11.49 -2.36 -20.04
N GLY C 13 10.95 -1.68 -21.05
CA GLY C 13 9.52 -1.50 -21.22
C GLY C 13 9.16 -0.04 -21.36
N LEU C 14 7.85 0.21 -21.44
CA LEU C 14 7.33 1.55 -21.63
C LEU C 14 7.17 2.29 -20.31
N CYS C 15 7.48 3.59 -20.33
CA CYS C 15 7.08 4.51 -19.27
C CYS C 15 6.13 5.51 -19.91
N LEU C 16 4.85 5.44 -19.52
CA LEU C 16 3.79 6.26 -20.12
C LEU C 16 3.39 7.35 -19.14
N ILE C 17 3.60 8.62 -19.53
CA ILE C 17 3.35 9.77 -18.67
C ILE C 17 2.17 10.55 -19.23
N ILE C 18 1.10 10.64 -18.44
CA ILE C 18 -0.06 11.45 -18.79
C ILE C 18 0.02 12.70 -17.93
N ASN C 19 0.27 13.83 -18.59
CA ASN C 19 0.57 15.11 -17.93
C ASN C 19 -0.58 16.06 -18.24
N ASN C 20 -1.52 16.17 -17.32
CA ASN C 20 -2.70 16.99 -17.53
C ASN C 20 -2.53 18.31 -16.79
N LYS C 21 -2.47 19.41 -17.55
CA LYS C 21 -2.19 20.75 -17.05
C LYS C 21 -3.36 21.71 -17.19
N ASN C 22 -4.03 21.68 -18.33
CA ASN C 22 -5.10 22.62 -18.65
C ASN C 22 -6.43 21.88 -18.70
N PHE C 23 -7.42 22.41 -17.99
CA PHE C 23 -8.69 21.71 -17.84
C PHE C 23 -9.83 22.55 -18.40
N ASP C 24 -10.86 21.85 -18.88
CA ASP C 24 -12.04 22.53 -19.40
C ASP C 24 -12.70 23.34 -18.30
N ARG C 25 -13.16 24.54 -18.65
CA ARG C 25 -13.69 25.44 -17.63
C ARG C 25 -14.88 24.83 -16.93
N LYS C 26 -15.63 23.95 -17.60
CA LYS C 26 -16.79 23.31 -16.99
C LYS C 26 -16.40 22.43 -15.81
N THR C 27 -15.11 22.05 -15.71
CA THR C 27 -14.63 21.31 -14.54
C THR C 27 -14.32 22.21 -13.36
N GLY C 28 -14.11 23.51 -13.59
CA GLY C 28 -13.72 24.38 -12.50
C GLY C 28 -12.36 24.09 -11.91
N MET C 29 -11.50 23.38 -12.64
CA MET C 29 -10.20 22.99 -12.11
C MET C 29 -9.12 23.96 -12.57
N LYS C 30 -8.25 24.32 -11.63
CA LYS C 30 -7.20 25.30 -11.90
CA LYS C 30 -7.19 25.29 -11.88
C LYS C 30 -6.08 24.68 -12.73
N THR C 31 -5.44 25.53 -13.54
CA THR C 31 -4.25 25.13 -14.30
C THR C 31 -3.16 24.66 -13.36
N ARG C 32 -2.48 23.58 -13.73
CA ARG C 32 -1.55 22.90 -12.80
C ARG C 32 -0.10 23.27 -13.11
N ASN C 33 0.19 24.56 -12.99
CA ASN C 33 1.55 25.03 -13.29
C ASN C 33 2.57 24.37 -12.37
N GLY C 34 3.73 24.04 -12.94
CA GLY C 34 4.71 23.20 -12.31
C GLY C 34 4.74 21.78 -12.83
N THR C 35 3.64 21.30 -13.41
CA THR C 35 3.57 19.90 -13.85
C THR C 35 4.50 19.63 -15.03
N ASP C 36 4.80 20.64 -15.85
CA ASP C 36 5.73 20.42 -16.96
C ASP C 36 7.14 20.11 -16.45
N LYS C 37 7.53 20.73 -15.33
CA LYS C 37 8.79 20.35 -14.70
C LYS C 37 8.78 18.88 -14.26
N ASP C 38 7.66 18.41 -13.69
CA ASP C 38 7.54 17.01 -13.30
C ASP C 38 7.73 16.10 -14.51
N ALA C 39 7.03 16.39 -15.60
CA ALA C 39 7.09 15.54 -16.77
C ALA C 39 8.48 15.52 -17.38
N GLU C 40 9.16 16.68 -17.40
CA GLU C 40 10.52 16.75 -17.93
C GLU C 40 11.49 15.95 -17.06
N ASN C 41 11.40 16.10 -15.74
CA ASN C 41 12.28 15.35 -14.86
C ASN C 41 12.01 13.84 -14.99
N LEU C 42 10.73 13.46 -15.10
CA LEU C 42 10.39 12.05 -15.20
C LEU C 42 10.95 11.43 -16.46
N GLU C 43 10.84 12.13 -17.60
CA GLU C 43 11.36 11.57 -18.83
C GLU C 43 12.87 11.36 -18.73
N LYS C 44 13.59 12.33 -18.14
CA LYS C 44 15.03 12.17 -17.96
C LYS C 44 15.35 10.99 -17.04
N THR C 45 14.65 10.92 -15.91
CA THR C 45 14.92 9.88 -14.91
C THR C 45 14.64 8.50 -15.47
N PHE C 46 13.48 8.32 -16.09
CA PHE C 46 13.12 6.99 -16.56
C PHE C 46 13.86 6.63 -17.85
N LYS C 47 14.21 7.61 -18.71
CA LYS C 47 15.10 7.27 -19.82
C LYS C 47 16.41 6.70 -19.31
N SER C 48 16.97 7.31 -18.25
CA SER C 48 18.20 6.80 -17.64
C SER C 48 18.06 5.40 -17.06
N LEU C 49 16.83 4.95 -16.76
CA LEU C 49 16.64 3.58 -16.28
C LEU C 49 16.35 2.60 -17.40
N GLY C 50 16.44 3.04 -18.67
CA GLY C 50 16.24 2.16 -19.80
C GLY C 50 14.86 2.15 -20.41
N PHE C 51 13.92 2.93 -19.87
CA PHE C 51 12.56 2.92 -20.42
C PHE C 51 12.48 3.68 -21.74
N GLU C 52 11.58 3.22 -22.59
CA GLU C 52 11.03 4.01 -23.69
C GLU C 52 9.92 4.91 -23.12
N VAL C 53 10.18 6.21 -23.07
CA VAL C 53 9.29 7.15 -22.39
C VAL C 53 8.37 7.82 -23.41
N LYS C 54 7.08 7.86 -23.12
CA LYS C 54 6.08 8.54 -23.93
C LYS C 54 5.33 9.53 -23.06
N VAL C 55 5.33 10.80 -23.45
CA VAL C 55 4.64 11.85 -22.72
C VAL C 55 3.40 12.25 -23.50
N TYR C 56 2.23 12.20 -22.84
CA TYR C 56 0.98 12.68 -23.40
C TYR C 56 0.52 13.89 -22.61
N ASN C 57 0.19 14.99 -23.29
CA ASN C 57 -0.24 16.20 -22.61
C ASN C 57 -1.74 16.45 -22.82
N ASP C 58 -2.43 16.80 -21.73
CA ASP C 58 -3.82 17.25 -21.76
C ASP C 58 -4.73 16.25 -22.49
N LEU C 59 -4.94 15.10 -21.85
CA LEU C 59 -5.82 14.07 -22.41
C LEU C 59 -7.18 14.12 -21.75
N THR C 60 -8.24 13.98 -22.55
CA THR C 60 -9.55 13.79 -21.97
C THR C 60 -9.60 12.42 -21.27
N ALA C 61 -10.68 12.19 -20.51
CA ALA C 61 -10.84 10.90 -19.86
C ALA C 61 -10.94 9.77 -20.87
N GLU C 62 -11.70 9.98 -21.96
CA GLU C 62 -11.77 8.98 -23.01
C GLU C 62 -10.40 8.74 -23.64
N GLU C 63 -9.62 9.81 -23.86
CA GLU C 63 -8.29 9.65 -24.45
C GLU C 63 -7.36 8.88 -23.53
N MET C 64 -7.45 9.11 -22.21
CA MET C 64 -6.63 8.38 -21.25
C MET C 64 -6.96 6.90 -21.29
N GLN C 65 -8.26 6.57 -21.29
CA GLN C 65 -8.70 5.19 -21.33
C GLN C 65 -8.28 4.52 -22.62
N GLU C 66 -8.44 5.20 -23.76
CA GLU C 66 -8.10 4.58 -25.03
C GLU C 66 -6.58 4.47 -25.21
N THR C 67 -5.84 5.47 -24.73
CA THR C 67 -4.38 5.39 -24.82
C THR C 67 -3.85 4.17 -24.09
N LEU C 68 -4.34 3.94 -22.85
CA LEU C 68 -3.82 2.83 -22.05
C LEU C 68 -4.32 1.50 -22.57
N GLN C 69 -5.54 1.47 -23.09
CA GLN C 69 -6.10 0.22 -23.64
C GLN C 69 -5.30 -0.25 -24.84
N GLU C 70 -4.94 0.67 -25.75
CA GLU C 70 -4.08 0.30 -26.88
C GLU C 70 -2.76 -0.29 -26.39
N VAL C 71 -2.14 0.37 -25.40
CA VAL C 71 -0.88 -0.13 -24.86
C VAL C 71 -1.07 -1.51 -24.23
N SER C 72 -2.21 -1.72 -23.58
CA SER C 72 -2.47 -3.02 -22.97
C SER C 72 -2.61 -4.14 -24.01
N LYS C 73 -2.83 -3.81 -25.28
CA LYS C 73 -2.96 -4.85 -26.30
C LYS C 73 -1.68 -5.03 -27.11
N GLU C 74 -0.61 -4.31 -26.79
CA GLU C 74 0.66 -4.49 -27.47
C GLU C 74 1.35 -5.76 -26.98
N ASP C 75 2.46 -6.09 -27.64
CA ASP C 75 3.25 -7.28 -27.34
C ASP C 75 4.36 -6.91 -26.36
N HIS C 76 4.20 -7.28 -25.10
CA HIS C 76 5.15 -6.97 -24.03
C HIS C 76 6.10 -8.13 -23.72
N SER C 77 6.17 -9.14 -24.59
CA SER C 77 6.96 -10.34 -24.34
C SER C 77 8.41 -10.01 -23.95
N ASP C 78 9.02 -9.04 -24.63
CA ASP C 78 10.41 -8.71 -24.42
C ASP C 78 10.63 -7.59 -23.41
N SER C 79 9.58 -7.17 -22.70
CA SER C 79 9.70 -6.07 -21.75
C SER C 79 9.81 -6.60 -20.33
N ASP C 80 10.60 -5.89 -19.50
CA ASP C 80 10.77 -6.24 -18.10
C ASP C 80 9.49 -5.95 -17.30
N CYS C 81 8.82 -4.83 -17.62
CA CYS C 81 7.74 -4.30 -16.81
C CYS C 81 7.01 -3.22 -17.59
N PHE C 82 6.05 -2.59 -16.93
CA PHE C 82 5.35 -1.44 -17.48
C PHE C 82 5.21 -0.38 -16.38
N VAL C 83 5.43 0.87 -16.74
CA VAL C 83 5.32 2.00 -15.82
C VAL C 83 4.38 3.04 -16.43
N CYS C 84 3.47 3.55 -15.62
CA CYS C 84 2.57 4.63 -15.98
C CYS C 84 2.59 5.68 -14.88
N VAL C 85 2.73 6.94 -15.26
CA VAL C 85 2.68 8.05 -14.32
C VAL C 85 1.47 8.92 -14.70
N LEU C 86 0.64 9.25 -13.72
CA LEU C 86 -0.51 10.12 -13.90
C LEU C 86 -0.27 11.40 -13.12
N LEU C 87 -0.28 12.53 -13.82
CA LEU C 87 -0.08 13.85 -13.22
C LEU C 87 -1.37 14.66 -13.43
N SER C 88 -2.14 14.89 -12.36
CA SER C 88 -3.45 15.50 -12.55
C SER C 88 -4.03 15.95 -11.22
N HIS C 89 -5.20 16.58 -11.30
CA HIS C 89 -6.06 16.71 -10.14
C HIS C 89 -6.70 15.36 -9.85
N GLY C 90 -7.10 15.18 -8.59
CA GLY C 90 -7.83 13.96 -8.27
C GLY C 90 -8.57 14.06 -6.96
N GLU C 91 -9.30 12.98 -6.67
CA GLU C 91 -9.94 12.72 -5.38
C GLU C 91 -9.69 11.25 -5.09
N GLU C 92 -10.16 10.77 -3.94
CA GLU C 92 -9.94 9.38 -3.59
C GLU C 92 -10.44 8.46 -4.71
N GLY C 93 -9.51 7.66 -5.25
CA GLY C 93 -9.85 6.69 -6.27
C GLY C 93 -10.06 7.24 -7.66
N LEU C 94 -9.88 8.55 -7.86
CA LEU C 94 -10.18 9.19 -9.14
C LEU C 94 -9.08 10.16 -9.52
N VAL C 95 -8.94 10.39 -10.84
CA VAL C 95 -8.05 11.41 -11.38
C VAL C 95 -8.81 12.12 -12.50
N TYR C 96 -8.38 13.34 -12.82
CA TYR C 96 -9.06 14.16 -13.84
C TYR C 96 -8.44 13.98 -15.22
N GLY C 97 -9.27 13.65 -16.19
CA GLY C 97 -9.02 14.04 -17.56
C GLY C 97 -9.28 15.53 -17.70
N THR C 98 -8.95 16.06 -18.88
CA THR C 98 -9.19 17.48 -19.10
C THR C 98 -10.66 17.83 -19.03
N ASP C 99 -11.55 16.87 -19.26
CA ASP C 99 -12.98 17.12 -19.34
C ASP C 99 -13.77 16.55 -18.16
N GLY C 100 -13.14 15.84 -17.26
CA GLY C 100 -13.87 15.25 -16.15
C GLY C 100 -13.11 14.11 -15.51
N LYS C 101 -13.75 13.52 -14.50
CA LYS C 101 -13.11 12.51 -13.67
C LYS C 101 -13.15 11.14 -14.31
N ILE C 102 -12.19 10.30 -13.94
CA ILE C 102 -12.16 8.89 -14.33
C ILE C 102 -11.61 8.07 -13.17
N GLU C 103 -12.20 6.89 -12.92
CA GLU C 103 -11.71 6.00 -11.88
C GLU C 103 -10.32 5.49 -12.20
N ILE C 104 -9.42 5.53 -11.22
CA ILE C 104 -8.08 4.96 -11.40
C ILE C 104 -8.17 3.48 -11.75
N GLN C 105 -9.10 2.77 -11.11
CA GLN C 105 -9.27 1.34 -11.34
C GLN C 105 -9.65 1.05 -12.78
N GLU C 106 -10.34 1.97 -13.45
CA GLU C 106 -10.66 1.75 -14.85
C GLU C 106 -9.40 1.73 -15.72
N LEU C 107 -8.34 2.43 -15.29
CA LEU C 107 -7.07 2.46 -16.00
C LEU C 107 -6.16 1.31 -15.60
N THR C 108 -6.04 1.02 -14.30
CA THR C 108 -5.15 -0.07 -13.89
C THR C 108 -5.70 -1.41 -14.35
N SER C 109 -7.03 -1.58 -14.32
CA SER C 109 -7.61 -2.89 -14.63
C SER C 109 -7.36 -3.33 -16.07
N LEU C 110 -7.01 -2.41 -16.97
CA LEU C 110 -6.72 -2.82 -18.34
C LEU C 110 -5.53 -3.75 -18.42
N PHE C 111 -4.69 -3.78 -17.36
CA PHE C 111 -3.42 -4.48 -17.40
C PHE C 111 -3.42 -5.73 -16.55
N LYS C 112 -4.58 -6.14 -16.03
CA LYS C 112 -4.68 -7.34 -15.22
C LYS C 112 -4.31 -8.55 -16.06
N GLY C 113 -3.77 -9.57 -15.40
CA GLY C 113 -3.29 -10.74 -16.11
C GLY C 113 -4.31 -11.34 -17.05
N ASP C 114 -5.59 -11.34 -16.66
CA ASP C 114 -6.64 -11.91 -17.50
C ASP C 114 -6.89 -11.13 -18.78
N LYS C 115 -6.27 -9.95 -18.94
CA LYS C 115 -6.47 -9.13 -20.13
C LYS C 115 -5.19 -8.77 -20.86
N CYS C 116 -4.03 -8.95 -20.24
CA CYS C 116 -2.76 -8.54 -20.82
C CYS C 116 -1.77 -9.67 -20.53
N GLN C 117 -1.85 -10.71 -21.35
CA GLN C 117 -1.09 -11.93 -21.11
C GLN C 117 0.42 -11.70 -21.14
N SER C 118 0.89 -10.81 -22.01
CA SER C 118 2.34 -10.67 -22.09
C SER C 118 2.92 -9.81 -20.96
N LEU C 119 2.10 -9.31 -20.03
CA LEU C 119 2.62 -8.73 -18.80
C LEU C 119 2.39 -9.63 -17.58
N VAL C 120 1.83 -10.83 -17.77
CA VAL C 120 1.61 -11.73 -16.63
C VAL C 120 2.94 -12.09 -16.00
N GLY C 121 3.01 -11.99 -14.67
CA GLY C 121 4.25 -12.24 -13.95
C GLY C 121 5.23 -11.09 -13.95
N LYS C 122 4.89 -9.96 -14.60
CA LYS C 122 5.81 -8.84 -14.66
C LYS C 122 5.25 -7.63 -13.90
N PRO C 123 6.12 -6.81 -13.32
CA PRO C 123 5.67 -5.64 -12.55
C PRO C 123 4.90 -4.64 -13.40
N LYS C 124 3.78 -4.16 -12.85
CA LYS C 124 3.00 -3.08 -13.41
C LYS C 124 2.94 -1.96 -12.37
N LEU C 125 3.67 -0.88 -12.62
CA LEU C 125 3.87 0.23 -11.68
C LEU C 125 3.09 1.45 -12.13
N PHE C 126 2.29 2.01 -11.23
CA PHE C 126 1.56 3.25 -11.46
C PHE C 126 1.99 4.25 -10.38
N PHE C 127 2.45 5.41 -10.81
CA PHE C 127 2.82 6.50 -9.93
C PHE C 127 1.76 7.59 -10.12
N ILE C 128 1.14 8.01 -9.03
CA ILE C 128 -0.04 8.86 -9.13
C ILE C 128 0.18 10.13 -8.31
N GLN C 129 0.31 11.25 -9.03
CA GLN C 129 0.42 12.58 -8.43
C GLN C 129 -0.94 13.24 -8.61
N ALA C 130 -1.72 13.29 -7.54
CA ALA C 130 -3.08 13.82 -7.49
C ALA C 130 -3.52 13.85 -6.03
N CYS C 131 -4.45 14.74 -5.70
CA CYS C 131 -5.01 14.67 -4.36
C CYS C 131 -5.86 13.43 -4.20
N ARG C 132 -6.02 13.01 -2.94
CA ARG C 132 -6.88 11.88 -2.60
C ARG C 132 -7.95 12.29 -1.59
N GLY C 133 -8.31 13.56 -1.60
CA GLY C 133 -9.23 14.12 -0.63
C GLY C 133 -8.80 15.51 -0.25
N ASP C 134 -9.44 16.06 0.78
CA ASP C 134 -9.14 17.43 1.18
C ASP C 134 -8.77 17.55 2.67
N GLU C 135 -8.26 16.48 3.27
CA GLU C 135 -7.72 16.60 4.62
C GLU C 135 -6.34 17.22 4.58
N LEU C 136 -6.01 17.98 5.62
CA LEU C 136 -4.72 18.64 5.76
C LEU C 136 -3.92 17.95 6.85
N ASP C 137 -2.64 17.70 6.60
CA ASP C 137 -1.72 17.11 7.58
C ASP C 137 -0.89 18.23 8.19
N SER C 138 -1.18 18.57 9.46
CA SER C 138 -0.48 19.64 10.13
C SER C 138 0.85 19.20 10.75
N GLY C 139 1.07 17.90 10.88
CA GLY C 139 2.34 17.40 11.39
C GLY C 139 2.37 17.27 12.90
N VAL C 140 3.57 16.98 13.39
CA VAL C 140 3.82 16.85 14.82
C VAL C 140 5.28 17.17 15.08
N GLU C 141 5.56 17.77 16.24
CA GLU C 141 6.90 18.25 16.55
C GLU C 141 7.83 17.09 16.90
N VAL C 142 8.97 17.03 16.23
CA VAL C 142 9.97 16.00 16.47
C VAL C 142 11.38 16.60 16.44
N HIS D 1 -3.59 -24.07 -11.29
CA HIS D 1 -2.25 -23.58 -11.59
C HIS D 1 -2.28 -22.17 -12.17
N LYS D 2 -2.99 -21.26 -11.49
CA LYS D 2 -3.13 -19.88 -11.93
C LYS D 2 -2.49 -18.94 -10.91
N ILE D 3 -2.38 -17.67 -11.29
CA ILE D 3 -1.99 -16.63 -10.33
C ILE D 3 -3.11 -15.61 -10.32
N PRO D 4 -3.23 -14.84 -9.23
CA PRO D 4 -4.32 -13.86 -9.16
C PRO D 4 -4.25 -12.88 -10.31
N ALA D 5 -5.43 -12.46 -10.78
CA ALA D 5 -5.51 -11.45 -11.83
C ALA D 5 -4.98 -10.10 -11.35
N GLU D 6 -4.98 -9.84 -10.05
CA GLU D 6 -4.49 -8.58 -9.49
C GLU D 6 -3.02 -8.65 -9.10
N ALA D 7 -2.33 -9.74 -9.40
CA ALA D 7 -0.94 -9.90 -8.99
C ALA D 7 0.01 -8.94 -9.72
N ASP D 8 1.07 -8.57 -9.02
CA ASP D 8 2.24 -7.87 -9.57
C ASP D 8 1.94 -6.42 -9.95
N PHE D 9 0.96 -5.81 -9.30
CA PHE D 9 0.75 -4.37 -9.37
C PHE D 9 1.42 -3.69 -8.19
N LEU D 10 1.86 -2.46 -8.42
CA LEU D 10 2.36 -1.56 -7.39
C LEU D 10 1.85 -0.17 -7.71
N ILE D 11 1.15 0.45 -6.77
CA ILE D 11 0.63 1.80 -6.97
C ILE D 11 1.29 2.70 -5.95
N ALA D 12 2.03 3.68 -6.41
CA ALA D 12 2.75 4.59 -5.54
C ALA D 12 2.01 5.92 -5.58
N TYR D 13 1.35 6.25 -4.48
CA TYR D 13 0.60 7.50 -4.38
C TYR D 13 1.46 8.60 -3.79
N SER D 14 1.27 9.81 -4.30
CA SER D 14 1.91 11.00 -3.76
C SER D 14 1.51 11.31 -2.31
N THR D 15 0.35 10.83 -1.86
CA THR D 15 -0.13 11.25 -0.55
C THR D 15 -1.02 10.16 0.06
N ALA D 16 -1.30 10.32 1.36
CA ALA D 16 -2.10 9.37 2.10
C ALA D 16 -3.57 9.42 1.69
N PRO D 17 -4.31 8.31 1.85
CA PRO D 17 -5.74 8.33 1.52
C PRO D 17 -6.45 9.45 2.26
N GLY D 18 -7.19 10.27 1.52
CA GLY D 18 -7.96 11.33 2.12
C GLY D 18 -7.30 12.69 2.16
N TYR D 19 -6.04 12.81 1.74
CA TYR D 19 -5.26 14.03 1.94
C TYR D 19 -4.96 14.77 0.65
N TYR D 20 -4.62 16.05 0.80
CA TYR D 20 -4.10 16.87 -0.28
C TYR D 20 -2.71 16.39 -0.68
N SER D 21 -2.33 16.77 -1.89
CA SER D 21 -0.98 16.56 -2.39
C SER D 21 -0.50 17.89 -2.98
N TYR D 22 0.73 18.28 -2.68
CA TYR D 22 1.22 19.62 -2.99
C TYR D 22 2.06 19.66 -4.26
N ARG D 23 1.91 20.75 -5.00
CA ARG D 23 2.66 21.00 -6.23
C ARG D 23 3.24 22.41 -6.16
N ASN D 24 4.56 22.53 -6.32
CA ASN D 24 5.22 23.84 -6.37
C ASN D 24 5.23 24.33 -7.81
N THR D 25 4.69 25.53 -8.04
CA THR D 25 4.47 26.01 -9.41
C THR D 25 5.75 26.32 -10.15
N SER D 26 6.87 26.45 -9.44
CA SER D 26 8.18 26.62 -10.04
C SER D 26 8.94 25.31 -10.20
N ASN D 27 8.86 24.42 -9.22
CA ASN D 27 9.72 23.24 -9.20
C ASN D 27 8.99 21.93 -9.40
N GLY D 28 7.66 21.93 -9.41
CA GLY D 28 6.92 20.70 -9.59
C GLY D 28 6.41 20.15 -8.28
N SER D 29 5.81 18.97 -8.37
CA SER D 29 5.17 18.37 -7.19
C SER D 29 6.23 17.84 -6.24
N TRP D 30 5.92 17.91 -4.95
CA TRP D 30 6.83 17.41 -3.92
C TRP D 30 7.17 15.95 -4.16
N PHE D 31 6.17 15.14 -4.52
CA PHE D 31 6.36 13.70 -4.66
C PHE D 31 7.18 13.35 -5.89
N ILE D 32 6.85 13.93 -7.05
CA ILE D 32 7.58 13.56 -8.26
C ILE D 32 9.03 14.02 -8.16
N GLN D 33 9.27 15.22 -7.61
CA GLN D 33 10.66 15.66 -7.56
C GLN D 33 11.48 14.83 -6.58
N SER D 34 10.88 14.41 -5.46
CA SER D 34 11.57 13.49 -4.57
C SER D 34 11.77 12.14 -5.23
N LEU D 35 10.76 11.64 -5.94
CA LEU D 35 10.90 10.37 -6.64
C LEU D 35 12.07 10.42 -7.61
N CYS D 36 12.18 11.51 -8.38
CA CYS D 36 13.25 11.60 -9.36
C CYS D 36 14.61 11.73 -8.69
N GLU D 37 14.67 12.50 -7.59
CA GLU D 37 15.93 12.63 -6.87
C GLU D 37 16.43 11.27 -6.42
N VAL D 38 15.54 10.50 -5.77
CA VAL D 38 15.94 9.20 -5.24
C VAL D 38 16.27 8.23 -6.37
N LEU D 39 15.46 8.21 -7.44
CA LEU D 39 15.74 7.33 -8.57
C LEU D 39 17.05 7.71 -9.28
N ASN D 40 17.38 9.00 -9.33
CA ASN D 40 18.61 9.39 -10.01
C ASN D 40 19.84 8.96 -9.24
N LYS D 41 19.79 9.02 -7.90
CA LYS D 41 20.95 8.65 -7.10
C LYS D 41 21.03 7.16 -6.82
N TYR D 42 19.89 6.49 -6.61
CA TYR D 42 19.89 5.11 -6.11
C TYR D 42 19.22 4.11 -7.05
N GLY D 43 18.66 4.56 -8.17
CA GLY D 43 17.73 3.72 -8.91
C GLY D 43 18.37 2.51 -9.57
N SER D 44 19.67 2.56 -9.85
CA SER D 44 20.33 1.42 -10.46
C SER D 44 20.88 0.44 -9.42
N GLU D 45 20.66 0.70 -8.13
CA GLU D 45 21.24 -0.09 -7.05
C GLU D 45 20.22 -0.65 -6.07
N LEU D 46 19.19 0.10 -5.70
CA LEU D 46 18.29 -0.34 -4.65
C LEU D 46 17.04 -1.03 -5.21
N GLU D 47 16.46 -1.91 -4.38
CA GLU D 47 15.19 -2.53 -4.67
C GLU D 47 14.08 -1.49 -4.59
N ILE D 48 12.98 -1.74 -5.31
CA ILE D 48 11.93 -0.72 -5.47
C ILE D 48 11.33 -0.31 -4.13
N MET D 49 11.20 -1.26 -3.18
CA MET D 49 10.64 -0.92 -1.87
C MET D 49 11.55 0.03 -1.11
N GLU D 50 12.86 -0.21 -1.15
CA GLU D 50 13.81 0.72 -0.54
C GLU D 50 13.71 2.10 -1.17
N ILE D 51 13.64 2.13 -2.51
CA ILE D 51 13.48 3.40 -3.23
C ILE D 51 12.25 4.13 -2.72
N LEU D 52 11.09 3.46 -2.71
CA LEU D 52 9.87 4.16 -2.37
C LEU D 52 9.83 4.58 -0.90
N THR D 53 10.49 3.82 -0.03
CA THR D 53 10.59 4.20 1.38
C THR D 53 11.43 5.46 1.56
N ARG D 54 12.54 5.55 0.82
CA ARG D 54 13.33 6.78 0.83
C ARG D 54 12.55 7.98 0.29
N VAL D 55 11.72 7.75 -0.73
CA VAL D 55 10.83 8.81 -1.22
C VAL D 55 9.87 9.23 -0.11
N ASN D 56 9.24 8.25 0.56
CA ASN D 56 8.42 8.55 1.72
C ASN D 56 9.17 9.44 2.70
N HIS D 57 10.41 9.06 3.03
CA HIS D 57 11.19 9.82 4.00
C HIS D 57 11.50 11.22 3.49
N LYS D 58 11.92 11.32 2.24
CA LYS D 58 12.27 12.62 1.66
C LYS D 58 11.08 13.59 1.69
N VAL D 59 9.91 13.13 1.23
CA VAL D 59 8.73 14.00 1.28
C VAL D 59 8.32 14.33 2.71
N SER D 60 8.48 13.38 3.64
CA SER D 60 8.03 13.63 5.00
C SER D 60 8.82 14.74 5.68
N LEU D 61 10.02 15.05 5.19
CA LEU D 61 10.84 16.16 5.73
C LEU D 61 10.79 17.39 4.83
N ARG D 62 9.59 17.94 4.62
CA ARG D 62 9.38 19.16 3.82
C ARG D 62 8.28 20.00 4.47
N SER D 63 8.07 21.23 3.97
CA SER D 63 7.08 22.08 4.61
C SER D 63 6.49 23.10 3.63
N GLU D 64 5.46 23.79 4.11
CA GLU D 64 4.51 24.65 3.36
C GLU D 64 3.59 23.83 2.46
N ASN D 73 1.30 27.92 4.24
CA ASN D 73 0.29 27.16 4.98
C ASN D 73 0.92 26.22 6.01
N GLY D 74 2.21 25.92 5.84
CA GLY D 74 2.94 25.15 6.84
C GLY D 74 2.47 23.72 7.02
N LYS D 75 1.96 23.10 5.97
CA LYS D 75 1.42 21.75 6.06
C LYS D 75 2.47 20.72 5.63
N LYS D 76 2.13 19.45 5.85
CA LYS D 76 3.02 18.33 5.58
C LYS D 76 2.33 17.34 4.64
N GLN D 77 3.11 16.42 4.10
CA GLN D 77 2.60 15.43 3.16
C GLN D 77 3.29 14.09 3.41
N MET D 78 2.52 13.02 3.36
CA MET D 78 3.03 11.66 3.58
C MET D 78 2.61 10.81 2.39
N PRO D 79 3.53 10.41 1.53
CA PRO D 79 3.17 9.51 0.43
C PRO D 79 2.89 8.12 0.96
N CYS D 80 2.27 7.31 0.11
CA CYS D 80 1.80 5.98 0.50
C CYS D 80 1.91 5.09 -0.72
N PHE D 81 2.52 3.91 -0.59
CA PHE D 81 2.54 3.00 -1.74
C PHE D 81 1.93 1.67 -1.34
N ALA D 82 1.19 1.08 -2.27
CA ALA D 82 0.46 -0.16 -2.04
C ALA D 82 1.03 -1.22 -2.98
N SER D 83 1.49 -2.34 -2.42
CA SER D 83 2.21 -3.35 -3.19
C SER D 83 1.45 -4.65 -3.26
N MET D 84 1.19 -5.11 -4.48
CA MET D 84 0.82 -6.48 -4.74
CA MET D 84 0.81 -6.48 -4.76
C MET D 84 1.90 -7.20 -5.55
N LEU D 85 3.14 -6.74 -5.42
CA LEU D 85 4.27 -7.41 -6.04
C LEU D 85 4.55 -8.71 -5.33
N THR D 86 5.09 -9.67 -6.07
CA THR D 86 5.40 -10.98 -5.53
C THR D 86 6.90 -11.24 -5.43
N LYS D 87 7.75 -10.31 -5.90
CA LYS D 87 9.20 -10.50 -5.88
C LYS D 87 9.88 -9.14 -5.73
N LYS D 88 11.19 -9.20 -5.48
CA LYS D 88 12.00 -7.98 -5.44
C LYS D 88 12.19 -7.43 -6.85
N LEU D 89 12.21 -6.10 -6.95
CA LEU D 89 12.29 -5.40 -8.23
CA LEU D 89 12.29 -5.40 -8.23
C LEU D 89 13.54 -4.53 -8.23
N TYR D 90 14.48 -4.84 -9.13
CA TYR D 90 15.68 -4.04 -9.33
C TYR D 90 15.71 -3.55 -10.77
N PHE D 91 15.99 -2.26 -10.95
CA PHE D 91 16.20 -1.70 -12.29
C PHE D 91 17.66 -1.93 -12.66
N SER D 92 17.96 -3.18 -12.98
CA SER D 92 19.33 -3.60 -13.24
C SER D 92 19.85 -2.93 -14.49
N PRO D 93 20.94 -2.14 -14.40
CA PRO D 93 21.55 -1.40 -15.52
C PRO D 93 21.95 -2.30 -16.70
N ASP E 2 3.27 26.80 -3.48
CA ASP E 2 2.73 25.45 -3.43
C ASP E 2 1.21 25.50 -3.64
N GLU E 3 0.71 24.68 -4.55
CA GLU E 3 -0.72 24.50 -4.77
C GLU E 3 -1.08 23.04 -4.54
N VAL E 4 -2.38 22.77 -4.43
CA VAL E 4 -2.86 21.42 -4.19
C VAL E 4 -3.42 20.87 -5.49
N ASP E 5 -3.44 19.56 -5.63
CA ASP E 5 -3.89 18.94 -6.87
C ASP E 5 -5.33 18.37 -6.78
N ASP F 2 -13.12 -24.05 2.84
CA ASP F 2 -12.85 -22.62 2.65
C ASP F 2 -14.11 -21.78 2.83
N GLU F 3 -13.95 -20.63 3.47
CA GLU F 3 -15.04 -19.67 3.67
C GLU F 3 -14.49 -18.28 3.45
N VAL F 4 -15.39 -17.29 3.39
CA VAL F 4 -14.98 -15.91 3.16
C VAL F 4 -15.28 -15.08 4.41
N ASP F 5 -14.55 -13.97 4.54
CA ASP F 5 -14.70 -13.10 5.70
C ASP F 5 -15.52 -11.82 5.42
#